data_8VAU
#
_entry.id   8VAU
#
_cell.length_a   57.627
_cell.length_b   51.351
_cell.length_c   100.501
_cell.angle_alpha   90.00
_cell.angle_beta   97.26
_cell.angle_gamma   90.00
#
_symmetry.space_group_name_H-M   'P 1 21 1'
#
loop_
_entity.id
_entity.type
_entity.pdbx_description
1 polymer 'ADP-ribosyl cyclase/cyclic ADP-ribose hydrolase 1'
2 non-polymer 'Nicotinamide riboside'
3 non-polymer alpha-D-ribofuranose
4 water water
#
_entity_poly.entity_id   1
_entity_poly.type   'polypeptide(L)'
_entity_poly.pdbx_seq_one_letter_code
;SRWRQQWSGPGTTKRFPETVLARCVKYTEIHPEMRHVDCQSVWDAFKGAFISKHPCDITEEDYQPLMKLGTQTVPCNKIL
LWSRIKDLAHQFTQVQRDMFTLEDTLLGYLADDLTWCGEFATSKINYQSCPDWRKDCSNNPVSVFWKTVSRRFAEAACDV
VHVMLDGSRSKIFDKDSTFGSVEVHNLQPEKVQTLEAWVIHGGREDSRDLCQDPTIKELESIISKRNIQFSCKNIYRPDK
FLQCVKNPEDSSCTSEI
;
_entity_poly.pdbx_strand_id   A,B
#
loop_
_chem_comp.id
_chem_comp.type
_chem_comp.name
_chem_comp.formula
NNR non-polymer 'Nicotinamide riboside' 'C11 H15 N2 O5 1'
RIB D-saccharide, alpha linking alpha-D-ribofuranose 'C5 H10 O5'
#
# COMPACT_ATOMS: atom_id res chain seq x y z
N SER A 1 20.02 -30.94 -25.85
CA SER A 1 19.38 -32.25 -25.75
C SER A 1 19.12 -32.84 -27.12
N ARG A 2 19.22 -34.16 -27.22
CA ARG A 2 18.98 -34.85 -28.49
C ARG A 2 17.49 -35.02 -28.77
N TRP A 3 16.61 -34.60 -27.85
CA TRP A 3 15.18 -34.63 -28.09
C TRP A 3 14.58 -33.25 -28.36
N ARG A 4 15.36 -32.18 -28.23
CA ARG A 4 14.80 -30.84 -28.26
C ARG A 4 14.34 -30.49 -29.68
N GLN A 5 13.07 -30.12 -29.81
CA GLN A 5 12.51 -29.74 -31.10
C GLN A 5 12.70 -28.24 -31.34
N GLN A 6 12.57 -27.86 -32.61
CA GLN A 6 12.65 -26.46 -32.99
C GLN A 6 11.29 -25.78 -32.79
N TRP A 7 11.32 -24.56 -32.24
CA TRP A 7 10.14 -23.74 -32.12
C TRP A 7 10.22 -22.59 -33.12
N SER A 8 9.08 -21.95 -33.35
CA SER A 8 9.00 -20.85 -34.31
C SER A 8 9.27 -19.50 -33.69
N GLY A 9 9.25 -19.38 -32.37
CA GLY A 9 9.46 -18.11 -31.72
C GLY A 9 10.91 -17.89 -31.36
N PRO A 10 11.27 -16.64 -31.06
CA PRO A 10 12.66 -16.35 -30.67
C PRO A 10 13.05 -17.10 -29.40
N GLY A 11 14.33 -17.36 -29.26
CA GLY A 11 14.83 -18.02 -28.08
C GLY A 11 14.86 -17.09 -26.88
N THR A 12 15.18 -17.69 -25.72
CA THR A 12 15.27 -16.92 -24.49
C THR A 12 16.22 -15.75 -24.65
N THR A 13 15.84 -14.60 -24.11
CA THR A 13 16.69 -13.42 -24.17
C THR A 13 18.06 -13.74 -23.60
N LYS A 14 19.11 -13.30 -24.31
CA LYS A 14 20.47 -13.53 -23.85
C LYS A 14 20.67 -12.93 -22.47
N ARG A 15 21.38 -13.66 -21.61
CA ARG A 15 21.68 -13.21 -20.25
C ARG A 15 20.40 -13.08 -19.42
N PHE A 16 19.39 -13.91 -19.70
CA PHE A 16 18.13 -13.81 -18.99
C PHE A 16 18.31 -13.97 -17.48
N PRO A 17 19.03 -14.97 -16.97
CA PRO A 17 19.19 -15.07 -15.52
C PRO A 17 19.82 -13.83 -14.91
N GLU A 18 20.93 -13.36 -15.49
CA GLU A 18 21.60 -12.18 -14.94
C GLU A 18 20.74 -10.94 -15.06
N THR A 19 19.92 -10.85 -16.11
CA THR A 19 19.05 -9.68 -16.29
C THR A 19 17.96 -9.65 -15.23
N VAL A 20 17.33 -10.79 -14.95
CA VAL A 20 16.29 -10.82 -13.94
C VAL A 20 16.87 -10.51 -12.56
N LEU A 21 18.03 -11.08 -12.25
CA LEU A 21 18.66 -10.81 -10.95
C LEU A 21 18.97 -9.32 -10.79
N ALA A 22 19.59 -8.72 -11.81
CA ALA A 22 19.93 -7.30 -11.74
C ALA A 22 18.68 -6.43 -11.62
N ARG A 23 17.62 -6.79 -12.33
CA ARG A 23 16.37 -6.03 -12.21
C ARG A 23 15.78 -6.13 -10.81
N CYS A 24 15.80 -7.33 -10.22
CA CYS A 24 15.25 -7.50 -8.88
C CYS A 24 16.01 -6.66 -7.87
N VAL A 25 17.34 -6.66 -7.95
CA VAL A 25 18.14 -5.84 -7.04
C VAL A 25 17.86 -4.36 -7.26
N LYS A 26 17.77 -3.94 -8.52
CA LYS A 26 17.50 -2.54 -8.81
C LYS A 26 16.13 -2.12 -8.30
N TYR A 27 15.12 -2.97 -8.48
CA TYR A 27 13.77 -2.62 -8.07
C TYR A 27 13.69 -2.41 -6.56
N THR A 28 14.30 -3.33 -5.79
CA THR A 28 14.27 -3.19 -4.34
C THR A 28 15.09 -1.99 -3.88
N GLU A 29 16.11 -1.61 -4.66
CA GLU A 29 16.84 -0.39 -4.37
C GLU A 29 15.95 0.83 -4.54
N ILE A 30 15.12 0.84 -5.59
CA ILE A 30 14.26 1.98 -5.86
C ILE A 30 13.06 2.01 -4.92
N HIS A 31 12.57 0.84 -4.51
CA HIS A 31 11.37 0.72 -3.68
C HIS A 31 11.76 0.17 -2.31
N PRO A 32 12.04 1.03 -1.32
CA PRO A 32 12.45 0.51 -0.01
C PRO A 32 11.41 -0.39 0.63
N GLU A 33 10.12 -0.23 0.30
CA GLU A 33 9.09 -1.04 0.92
C GLU A 33 9.13 -2.50 0.47
N MET A 34 9.94 -2.83 -0.54
CA MET A 34 10.08 -4.20 -1.01
C MET A 34 11.43 -4.81 -0.67
N ARG A 35 12.19 -4.21 0.23
CA ARG A 35 13.54 -4.67 0.53
C ARG A 35 13.57 -5.92 1.39
N HIS A 36 12.41 -6.40 1.84
CA HIS A 36 12.34 -7.73 2.45
C HIS A 36 12.57 -8.84 1.44
N VAL A 37 12.53 -8.54 0.14
CA VAL A 37 12.63 -9.56 -0.89
C VAL A 37 14.05 -10.09 -0.96
N ASP A 38 14.19 -11.40 -1.04
CA ASP A 38 15.47 -12.05 -1.31
C ASP A 38 15.52 -12.37 -2.80
N CYS A 39 16.36 -11.64 -3.54
CA CYS A 39 16.33 -11.76 -4.99
C CYS A 39 16.81 -13.12 -5.47
N GLN A 40 17.68 -13.79 -4.70
CA GLN A 40 18.06 -15.15 -5.07
CA GLN A 40 18.06 -15.15 -5.08
C GLN A 40 16.86 -16.07 -5.03
N SER A 41 16.03 -15.95 -3.99
CA SER A 41 14.82 -16.76 -3.90
C SER A 41 13.87 -16.43 -5.05
N VAL A 42 13.76 -15.15 -5.41
CA VAL A 42 12.87 -14.76 -6.51
C VAL A 42 13.29 -15.46 -7.80
N TRP A 43 14.56 -15.34 -8.16
CA TRP A 43 15.04 -15.98 -9.39
C TRP A 43 14.86 -17.49 -9.31
N ASP A 44 15.15 -18.08 -8.16
CA ASP A 44 15.00 -19.53 -8.01
C ASP A 44 13.57 -19.96 -8.25
N ALA A 45 12.60 -19.19 -7.74
CA ALA A 45 11.19 -19.51 -7.99
C ALA A 45 10.81 -19.25 -9.45
N PHE A 46 11.33 -18.17 -10.04
CA PHE A 46 11.08 -17.90 -11.45
C PHE A 46 11.60 -19.04 -12.32
N LYS A 47 12.87 -19.39 -12.14
CA LYS A 47 13.46 -20.49 -12.89
C LYS A 47 12.70 -21.79 -12.68
N GLY A 48 12.27 -22.05 -11.46
CA GLY A 48 11.55 -23.28 -11.17
C GLY A 48 10.20 -23.39 -11.86
N ALA A 49 9.66 -22.27 -12.34
CA ALA A 49 8.36 -22.32 -13.00
C ALA A 49 8.43 -23.01 -14.36
N PHE A 50 9.54 -22.87 -15.08
CA PHE A 50 9.64 -23.36 -16.46
C PHE A 50 10.84 -24.24 -16.75
N ILE A 51 11.90 -24.20 -15.93
CA ILE A 51 13.08 -25.01 -16.21
C ILE A 51 12.72 -26.48 -16.02
N SER A 52 13.25 -27.33 -16.90
CA SER A 52 13.06 -28.77 -16.84
C SER A 52 11.62 -29.19 -17.13
N LYS A 53 10.82 -28.29 -17.70
CA LYS A 53 9.44 -28.58 -18.06
C LYS A 53 9.22 -28.31 -19.54
N HIS A 54 8.37 -29.12 -20.16
CA HIS A 54 8.03 -28.90 -21.57
C HIS A 54 7.38 -27.54 -21.72
N PRO A 55 7.87 -26.69 -22.64
CA PRO A 55 7.37 -25.31 -22.69
C PRO A 55 6.03 -25.14 -23.38
N CYS A 56 5.27 -26.23 -23.51
CA CYS A 56 3.90 -26.15 -24.03
C CYS A 56 2.86 -26.65 -23.02
N ASP A 57 3.27 -26.97 -21.78
CA ASP A 57 2.36 -27.46 -20.76
C ASP A 57 2.55 -26.70 -19.45
N ILE A 58 2.98 -25.45 -19.54
CA ILE A 58 3.14 -24.62 -18.35
C ILE A 58 1.77 -24.21 -17.84
N THR A 59 1.61 -24.16 -16.52
CA THR A 59 0.36 -23.85 -15.88
C THR A 59 0.52 -22.68 -14.92
N GLU A 60 -0.62 -22.12 -14.50
CA GLU A 60 -0.59 -21.06 -13.51
C GLU A 60 0.05 -21.52 -12.21
N GLU A 61 -0.15 -22.79 -11.84
CA GLU A 61 0.44 -23.31 -10.61
C GLU A 61 1.95 -23.30 -10.67
N ASP A 62 2.53 -23.49 -11.86
CA ASP A 62 3.98 -23.46 -11.98
C ASP A 62 4.55 -22.12 -11.49
N TYR A 63 3.81 -21.04 -11.65
CA TYR A 63 4.27 -19.72 -11.23
C TYR A 63 3.84 -19.34 -9.83
N GLN A 64 3.10 -20.20 -9.13
CA GLN A 64 2.60 -19.82 -7.80
C GLN A 64 3.73 -19.50 -6.82
N PRO A 65 4.81 -20.28 -6.71
CA PRO A 65 5.90 -19.87 -5.81
C PRO A 65 6.44 -18.49 -6.12
N LEU A 66 6.58 -18.14 -7.40
CA LEU A 66 7.01 -16.78 -7.74
C LEU A 66 5.96 -15.75 -7.33
N MET A 67 4.68 -16.05 -7.58
CA MET A 67 3.61 -15.13 -7.19
C MET A 67 3.67 -14.82 -5.70
N LYS A 68 3.90 -15.83 -4.87
CA LYS A 68 3.95 -15.61 -3.42
C LYS A 68 5.11 -14.71 -3.04
N LEU A 69 6.32 -15.04 -3.51
CA LEU A 69 7.48 -14.23 -3.18
C LEU A 69 7.33 -12.80 -3.69
N GLY A 70 6.67 -12.61 -4.82
CA GLY A 70 6.46 -11.30 -5.39
C GLY A 70 5.23 -10.59 -4.89
N THR A 71 4.58 -11.09 -3.84
CA THR A 71 3.39 -10.44 -3.30
C THR A 71 3.67 -8.97 -3.05
N GLN A 72 2.77 -8.11 -3.52
CA GLN A 72 2.96 -6.67 -3.41
C GLN A 72 1.59 -6.01 -3.36
N THR A 73 1.40 -5.11 -2.40
CA THR A 73 0.15 -4.38 -2.25
C THR A 73 0.29 -3.04 -2.94
N VAL A 74 -0.41 -2.88 -4.06
CA VAL A 74 -0.49 -1.60 -4.76
C VAL A 74 -1.83 -0.98 -4.41
N PRO A 75 -1.91 0.34 -4.15
CA PRO A 75 -3.22 0.94 -3.84
C PRO A 75 -4.25 0.59 -4.90
N CYS A 76 -5.29 -0.16 -4.51
CA CYS A 76 -6.19 -0.75 -5.50
C CYS A 76 -6.90 0.29 -6.35
N ASN A 77 -7.00 1.53 -5.88
CA ASN A 77 -7.70 2.59 -6.61
C ASN A 77 -6.78 3.40 -7.51
N LYS A 78 -5.54 2.95 -7.71
CA LYS A 78 -4.54 3.70 -8.46
C LYS A 78 -3.93 2.86 -9.57
N ILE A 79 -4.73 2.02 -10.22
CA ILE A 79 -4.25 1.04 -11.18
C ILE A 79 -4.56 1.51 -12.59
N LEU A 80 -3.58 1.41 -13.48
CA LEU A 80 -3.71 1.81 -14.87
C LEU A 80 -3.40 0.62 -15.76
N LEU A 81 -4.40 0.17 -16.52
CA LEU A 81 -4.21 -0.84 -17.54
C LEU A 81 -3.90 -0.15 -18.87
N TRP A 82 -3.39 -0.94 -19.83
CA TRP A 82 -3.15 -0.40 -21.16
C TRP A 82 -3.33 -1.49 -22.21
N SER A 83 -3.63 -1.06 -23.43
CA SER A 83 -3.75 -1.93 -24.60
C SER A 83 -2.97 -1.31 -25.75
N ARG A 84 -1.88 -1.97 -26.14
CA ARG A 84 -1.01 -1.61 -27.26
C ARG A 84 -0.15 -0.39 -27.02
N ILE A 85 -0.60 0.53 -26.16
CA ILE A 85 0.16 1.74 -25.95
C ILE A 85 0.80 1.64 -24.58
N LYS A 86 1.89 0.88 -24.50
CA LYS A 86 2.59 0.71 -23.24
C LYS A 86 3.52 1.88 -22.98
N ASP A 87 4.02 2.50 -24.06
CA ASP A 87 4.99 3.58 -23.92
CA ASP A 87 4.99 3.59 -23.92
C ASP A 87 4.39 4.77 -23.17
N LEU A 88 3.18 5.19 -23.57
CA LEU A 88 2.58 6.36 -22.92
C LEU A 88 2.12 6.04 -21.50
N ALA A 89 1.62 4.83 -21.27
CA ALA A 89 1.18 4.46 -19.93
C ALA A 89 2.33 4.55 -18.94
N HIS A 90 3.53 4.13 -19.36
CA HIS A 90 4.68 4.16 -18.47
C HIS A 90 5.21 5.58 -18.26
N GLN A 91 5.23 6.39 -19.33
CA GLN A 91 5.56 7.79 -19.17
C GLN A 91 4.60 8.46 -18.19
N PHE A 92 3.32 8.11 -18.26
CA PHE A 92 2.33 8.70 -17.37
C PHE A 92 2.64 8.36 -15.92
N THR A 93 2.85 7.08 -15.61
CA THR A 93 3.12 6.70 -14.23
C THR A 93 4.50 7.17 -13.77
N GLN A 94 5.43 7.39 -14.69
CA GLN A 94 6.71 7.98 -14.30
C GLN A 94 6.53 9.41 -13.80
N VAL A 95 5.46 10.08 -14.20
CA VAL A 95 5.13 11.42 -13.71
C VAL A 95 4.10 11.35 -12.58
N GLN A 96 2.98 10.68 -12.83
CA GLN A 96 1.96 10.45 -11.80
C GLN A 96 2.34 9.19 -11.01
N ARG A 97 3.34 9.35 -10.15
CA ARG A 97 3.98 8.21 -9.52
C ARG A 97 3.11 7.50 -8.50
N ASP A 98 1.97 8.08 -8.11
CA ASP A 98 1.03 7.36 -7.27
C ASP A 98 0.12 6.43 -8.06
N MET A 99 0.26 6.40 -9.38
CA MET A 99 -0.46 5.48 -10.25
C MET A 99 0.50 4.39 -10.73
N PHE A 100 -0.06 3.20 -10.96
CA PHE A 100 0.77 2.02 -11.20
C PHE A 100 0.22 1.18 -12.35
N THR A 101 1.10 0.86 -13.29
CA THR A 101 0.85 -0.20 -14.26
C THR A 101 1.43 -1.50 -13.74
N LEU A 102 1.07 -2.60 -14.41
CA LEU A 102 1.59 -3.90 -14.02
C LEU A 102 3.11 -3.92 -14.05
N GLU A 103 3.71 -3.26 -15.05
CA GLU A 103 5.16 -3.23 -15.18
C GLU A 103 5.83 -2.39 -14.10
N ASP A 104 5.05 -1.65 -13.31
CA ASP A 104 5.58 -0.93 -12.16
C ASP A 104 5.60 -1.77 -10.90
N THR A 105 5.02 -2.97 -10.93
CA THR A 105 5.18 -3.92 -9.83
C THR A 105 6.47 -4.72 -10.03
N LEU A 106 6.94 -5.35 -8.95
CA LEU A 106 8.18 -6.10 -9.02
C LEU A 106 8.10 -7.15 -10.14
N LEU A 107 7.06 -7.97 -10.13
CA LEU A 107 6.99 -9.09 -11.08
C LEU A 107 6.90 -8.59 -12.51
N GLY A 108 6.07 -7.59 -12.77
CA GLY A 108 6.02 -7.02 -14.12
C GLY A 108 7.33 -6.39 -14.52
N TYR A 109 8.00 -5.75 -13.58
CA TYR A 109 9.29 -5.12 -13.83
C TYR A 109 10.33 -6.15 -14.24
N LEU A 110 10.34 -7.31 -13.57
CA LEU A 110 11.34 -8.33 -13.87
C LEU A 110 11.23 -8.84 -15.30
N ALA A 111 10.00 -9.11 -15.76
CA ALA A 111 9.78 -9.80 -17.03
C ALA A 111 9.56 -8.87 -18.21
N ASP A 112 9.45 -7.56 -17.98
CA ASP A 112 9.11 -6.63 -19.04
C ASP A 112 10.04 -6.75 -20.23
N ASP A 113 9.47 -7.08 -21.39
CA ASP A 113 10.18 -7.11 -22.68
C ASP A 113 11.21 -8.25 -22.76
N LEU A 114 10.97 -9.35 -22.04
CA LEU A 114 11.84 -10.52 -22.10
C LEU A 114 11.07 -11.74 -22.58
N THR A 115 11.82 -12.74 -23.03
CA THR A 115 11.25 -14.02 -23.42
CA THR A 115 11.25 -14.03 -23.44
C THR A 115 12.11 -15.14 -22.84
N TRP A 116 11.46 -16.26 -22.50
CA TRP A 116 12.19 -17.34 -21.85
C TRP A 116 11.44 -18.65 -22.06
N CYS A 117 12.20 -19.75 -22.01
CA CYS A 117 11.62 -21.09 -22.04
C CYS A 117 12.71 -22.10 -21.75
N GLY A 118 12.28 -23.31 -21.38
CA GLY A 118 13.20 -24.39 -21.10
C GLY A 118 12.84 -25.65 -21.87
N GLU A 119 13.31 -26.80 -21.39
CA GLU A 119 13.03 -28.09 -22.02
C GLU A 119 12.78 -29.12 -20.93
N PHE A 120 12.00 -30.14 -21.28
CA PHE A 120 11.66 -31.20 -20.33
C PHE A 120 12.90 -32.00 -19.95
N ALA A 121 13.03 -32.29 -18.65
CA ALA A 121 14.03 -33.19 -18.09
C ALA A 121 15.45 -32.66 -18.19
N THR A 122 15.64 -31.39 -18.53
CA THR A 122 16.96 -30.77 -18.57
CA THR A 122 16.96 -30.78 -18.57
C THR A 122 16.92 -29.46 -17.80
N SER A 123 18.08 -29.09 -17.27
CA SER A 123 18.22 -27.86 -16.49
C SER A 123 18.63 -26.66 -17.34
N LYS A 124 18.62 -26.80 -18.66
CA LYS A 124 19.16 -25.79 -19.56
C LYS A 124 18.07 -24.86 -20.06
N ILE A 125 18.39 -23.56 -20.08
CA ILE A 125 17.54 -22.58 -20.76
C ILE A 125 17.73 -22.72 -22.26
N ASN A 126 16.64 -22.57 -23.01
CA ASN A 126 16.69 -22.72 -24.46
C ASN A 126 16.88 -21.34 -25.08
N TYR A 127 18.12 -21.06 -25.49
CA TYR A 127 18.44 -19.78 -26.12
C TYR A 127 18.26 -19.80 -27.64
N GLN A 128 17.85 -20.92 -28.21
CA GLN A 128 17.74 -21.03 -29.66
C GLN A 128 16.34 -20.70 -30.18
N SER A 129 15.29 -21.14 -29.49
CA SER A 129 13.93 -20.83 -29.89
C SER A 129 12.98 -21.16 -28.75
N CYS A 130 11.84 -20.50 -28.75
CA CYS A 130 10.77 -20.74 -27.79
C CYS A 130 9.44 -20.78 -28.53
N PRO A 131 8.42 -21.43 -27.94
CA PRO A 131 7.15 -21.60 -28.66
C PRO A 131 6.50 -20.26 -28.99
N ASP A 132 5.97 -20.18 -30.21
CA ASP A 132 5.10 -19.08 -30.61
C ASP A 132 3.67 -19.42 -30.25
N TRP A 133 2.94 -18.42 -29.73
CA TRP A 133 1.61 -18.71 -29.20
C TRP A 133 0.67 -19.22 -30.27
N ARG A 134 0.86 -18.80 -31.54
CA ARG A 134 -0.03 -19.22 -32.61
C ARG A 134 0.46 -20.49 -33.31
N LYS A 135 1.70 -20.48 -33.79
CA LYS A 135 2.19 -21.60 -34.60
C LYS A 135 2.53 -22.83 -33.76
N ASP A 136 2.87 -22.68 -32.48
CA ASP A 136 3.34 -23.81 -31.67
C ASP A 136 2.35 -24.21 -30.58
N CYS A 137 2.06 -23.34 -29.63
CA CYS A 137 1.23 -23.72 -28.49
C CYS A 137 0.95 -22.50 -27.62
N SER A 138 -0.21 -22.52 -26.96
CA SER A 138 -0.66 -21.38 -26.18
CA SER A 138 -0.66 -21.38 -26.18
C SER A 138 -0.13 -21.38 -24.76
N ASN A 139 0.15 -22.56 -24.19
CA ASN A 139 0.55 -22.67 -22.80
C ASN A 139 2.08 -22.67 -22.66
N ASN A 140 2.70 -21.62 -23.19
CA ASN A 140 4.15 -21.47 -23.10
C ASN A 140 4.51 -20.61 -21.91
N PRO A 141 5.78 -20.66 -21.48
CA PRO A 141 6.15 -19.97 -20.23
C PRO A 141 5.82 -18.49 -20.22
N VAL A 142 6.00 -17.80 -21.35
CA VAL A 142 5.78 -16.35 -21.37
C VAL A 142 4.29 -16.01 -21.33
N SER A 143 3.51 -16.63 -22.22
CA SER A 143 2.08 -16.33 -22.25
CA SER A 143 2.08 -16.33 -22.25
C SER A 143 1.41 -16.71 -20.94
N VAL A 144 1.76 -17.86 -20.39
CA VAL A 144 1.18 -18.28 -19.11
C VAL A 144 1.53 -17.30 -18.01
N PHE A 145 2.78 -16.81 -18.01
CA PHE A 145 3.19 -15.85 -17.00
C PHE A 145 2.29 -14.61 -17.02
N TRP A 146 2.12 -14.00 -18.19
CA TRP A 146 1.44 -12.71 -18.25
C TRP A 146 -0.06 -12.85 -17.99
N LYS A 147 -0.68 -13.92 -18.49
CA LYS A 147 -2.11 -14.10 -18.20
C LYS A 147 -2.34 -14.36 -16.72
N THR A 148 -1.38 -15.00 -16.05
CA THR A 148 -1.51 -15.23 -14.61
C THR A 148 -1.34 -13.93 -13.83
N VAL A 149 -0.24 -13.21 -14.08
CA VAL A 149 0.03 -11.99 -13.33
CA VAL A 149 0.03 -11.99 -13.33
C VAL A 149 -0.97 -10.90 -13.71
N SER A 150 -1.36 -10.82 -14.98
CA SER A 150 -2.34 -9.83 -15.40
CA SER A 150 -2.34 -9.83 -15.40
C SER A 150 -3.68 -10.04 -14.71
N ARG A 151 -4.13 -11.30 -14.63
CA ARG A 151 -5.39 -11.59 -13.96
C ARG A 151 -5.33 -11.18 -12.49
N ARG A 152 -4.23 -11.52 -11.82
CA ARG A 152 -4.08 -11.17 -10.41
C ARG A 152 -4.08 -9.65 -10.22
N PHE A 153 -3.43 -8.93 -11.13
CA PHE A 153 -3.39 -7.47 -11.04
C PHE A 153 -4.79 -6.89 -11.17
N ALA A 154 -5.56 -7.35 -12.16
CA ALA A 154 -6.91 -6.85 -12.34
C ALA A 154 -7.81 -7.22 -11.16
N GLU A 155 -7.63 -8.41 -10.59
CA GLU A 155 -8.45 -8.84 -9.47
C GLU A 155 -8.24 -7.96 -8.23
N ALA A 156 -7.12 -7.27 -8.15
CA ALA A 156 -6.82 -6.44 -6.98
C ALA A 156 -7.35 -5.02 -7.10
N ALA A 157 -7.79 -4.59 -8.28
CA ALA A 157 -8.22 -3.21 -8.47
C ALA A 157 -9.54 -2.95 -7.77
N CYS A 158 -9.79 -1.67 -7.46
CA CYS A 158 -11.00 -1.24 -6.78
C CYS A 158 -11.35 0.16 -7.24
N ASP A 159 -12.58 0.57 -6.93
CA ASP A 159 -13.07 1.92 -7.17
C ASP A 159 -13.08 2.18 -8.67
N VAL A 160 -12.30 3.12 -9.19
CA VAL A 160 -12.25 3.43 -10.61
C VAL A 160 -10.95 2.89 -11.17
N VAL A 161 -11.05 2.11 -12.24
CA VAL A 161 -9.89 1.55 -12.94
C VAL A 161 -9.78 2.23 -14.29
N HIS A 162 -8.58 2.68 -14.63
CA HIS A 162 -8.32 3.36 -15.90
C HIS A 162 -7.59 2.42 -16.84
N VAL A 163 -7.90 2.54 -18.13
CA VAL A 163 -7.22 1.80 -19.18
C VAL A 163 -6.91 2.75 -20.32
N MET A 164 -5.66 2.73 -20.80
CA MET A 164 -5.27 3.46 -21.99
C MET A 164 -5.45 2.56 -23.21
N LEU A 165 -6.13 3.09 -24.23
CA LEU A 165 -6.35 2.39 -25.48
C LEU A 165 -5.70 3.17 -26.62
N ASP A 166 -5.24 2.43 -27.63
CA ASP A 166 -4.52 3.02 -28.76
C ASP A 166 -5.54 3.38 -29.84
N GLY A 167 -5.84 4.67 -29.95
CA GLY A 167 -6.83 5.13 -30.90
C GLY A 167 -6.35 5.27 -32.34
N SER A 168 -5.08 4.99 -32.60
CA SER A 168 -4.53 5.06 -33.95
C SER A 168 -4.71 3.76 -34.72
N ARG A 169 -5.29 2.73 -34.11
CA ARG A 169 -5.41 1.41 -34.71
C ARG A 169 -6.86 1.13 -35.08
N SER A 170 -7.04 0.16 -35.98
CA SER A 170 -8.36 -0.18 -36.48
C SER A 170 -9.25 -0.77 -35.40
N LYS A 171 -8.66 -1.46 -34.43
CA LYS A 171 -9.39 -2.04 -33.30
C LYS A 171 -8.92 -1.29 -32.05
N ILE A 172 -9.57 -0.16 -31.78
CA ILE A 172 -9.22 0.62 -30.59
C ILE A 172 -9.36 -0.25 -29.35
N PHE A 173 -10.46 -0.98 -29.26
CA PHE A 173 -10.61 -2.09 -28.32
C PHE A 173 -10.48 -3.39 -29.10
N ASP A 174 -9.59 -4.26 -28.65
CA ASP A 174 -9.30 -5.51 -29.33
C ASP A 174 -9.54 -6.66 -28.38
N LYS A 175 -10.53 -7.51 -28.70
CA LYS A 175 -10.79 -8.68 -27.88
C LYS A 175 -9.58 -9.58 -27.79
N ASP A 176 -8.73 -9.56 -28.82
CA ASP A 176 -7.55 -10.43 -28.89
C ASP A 176 -6.34 -9.75 -28.28
N SER A 177 -6.47 -9.42 -26.99
CA SER A 177 -5.39 -8.77 -26.26
C SER A 177 -5.51 -9.15 -24.79
N THR A 178 -4.45 -8.86 -24.03
CA THR A 178 -4.48 -9.16 -22.61
C THR A 178 -5.62 -8.41 -21.92
N PHE A 179 -5.80 -7.14 -22.27
CA PHE A 179 -6.90 -6.37 -21.69
C PHE A 179 -8.25 -6.98 -22.08
N GLY A 180 -8.45 -7.25 -23.36
CA GLY A 180 -9.75 -7.69 -23.84
C GLY A 180 -10.14 -9.09 -23.41
N SER A 181 -9.14 -9.96 -23.18
CA SER A 181 -9.41 -11.36 -22.90
C SER A 181 -9.02 -11.80 -21.49
N VAL A 182 -8.31 -10.96 -20.72
CA VAL A 182 -7.97 -11.31 -19.35
C VAL A 182 -8.46 -10.24 -18.37
N GLU A 183 -7.97 -9.01 -18.54
CA GLU A 183 -8.16 -8.00 -17.50
C GLU A 183 -9.62 -7.61 -17.36
N VAL A 184 -10.30 -7.30 -18.48
CA VAL A 184 -11.64 -6.75 -18.42
C VAL A 184 -12.61 -7.72 -17.75
N HIS A 185 -12.34 -9.03 -17.87
CA HIS A 185 -13.22 -10.05 -17.34
C HIS A 185 -12.87 -10.48 -15.92
N ASN A 186 -11.82 -9.91 -15.32
CA ASN A 186 -11.41 -10.29 -13.98
C ASN A 186 -11.38 -9.10 -13.02
N LEU A 187 -11.80 -7.92 -13.46
CA LEU A 187 -12.15 -6.86 -12.53
C LEU A 187 -13.36 -7.31 -11.71
N GLN A 188 -13.24 -7.21 -10.39
CA GLN A 188 -14.28 -7.73 -9.51
C GLN A 188 -15.40 -6.70 -9.36
N PRO A 189 -16.64 -7.02 -9.76
CA PRO A 189 -17.72 -6.04 -9.61
C PRO A 189 -17.96 -5.62 -8.16
N GLU A 190 -17.62 -6.47 -7.19
CA GLU A 190 -17.79 -6.11 -5.79
C GLU A 190 -16.85 -4.99 -5.38
N LYS A 191 -15.74 -4.79 -6.10
CA LYS A 191 -14.72 -3.81 -5.74
C LYS A 191 -14.62 -2.65 -6.70
N VAL A 192 -14.83 -2.90 -7.99
CA VAL A 192 -14.67 -1.89 -9.03
C VAL A 192 -16.04 -1.30 -9.35
N GLN A 193 -16.15 0.02 -9.28
CA GLN A 193 -17.37 0.70 -9.66
C GLN A 193 -17.37 1.10 -11.14
N THR A 194 -16.23 1.56 -11.66
CA THR A 194 -16.19 2.13 -13.00
C THR A 194 -14.89 1.76 -13.70
N LEU A 195 -14.99 1.48 -14.99
CA LEU A 195 -13.85 1.35 -15.89
C LEU A 195 -13.84 2.59 -16.78
N GLU A 196 -12.79 3.40 -16.65
CA GLU A 196 -12.65 4.63 -17.44
C GLU A 196 -11.58 4.41 -18.50
N ALA A 197 -11.99 4.49 -19.77
CA ALA A 197 -11.08 4.30 -20.88
C ALA A 197 -10.55 5.65 -21.36
N TRP A 198 -9.24 5.70 -21.59
CA TRP A 198 -8.55 6.86 -22.15
C TRP A 198 -8.10 6.49 -23.56
N VAL A 199 -8.81 6.99 -24.57
CA VAL A 199 -8.49 6.69 -25.95
C VAL A 199 -7.41 7.67 -26.43
N ILE A 200 -6.20 7.17 -26.62
CA ILE A 200 -5.06 8.01 -26.98
C ILE A 200 -5.09 8.26 -28.48
N HIS A 201 -5.20 9.52 -28.87
CA HIS A 201 -5.25 9.88 -30.28
C HIS A 201 -3.86 9.87 -30.89
N GLY A 202 -3.82 9.62 -32.19
CA GLY A 202 -2.58 9.62 -32.94
C GLY A 202 -2.83 9.28 -34.39
N GLY A 203 -1.90 8.56 -35.01
CA GLY A 203 -2.07 8.15 -36.38
C GLY A 203 -2.36 9.30 -37.32
N ARG A 204 -2.90 8.99 -38.50
CA ARG A 204 -3.11 9.96 -39.57
C ARG A 204 -4.60 10.16 -39.84
N GLU A 205 -5.40 10.27 -38.78
CA GLU A 205 -6.84 10.46 -38.90
C GLU A 205 -7.23 11.82 -38.35
N ASP A 206 -8.20 12.45 -39.01
CA ASP A 206 -8.69 13.76 -38.58
C ASP A 206 -9.42 13.64 -37.25
N SER A 207 -9.31 14.68 -36.43
CA SER A 207 -9.80 14.64 -35.06
C SER A 207 -11.30 14.36 -35.03
N ARG A 208 -11.69 13.36 -34.25
CA ARG A 208 -13.09 13.01 -34.08
C ARG A 208 -13.23 12.31 -32.74
N ASP A 209 -14.47 12.22 -32.26
CA ASP A 209 -14.75 11.58 -30.98
C ASP A 209 -14.65 10.07 -31.16
N LEU A 210 -13.55 9.49 -30.71
CA LEU A 210 -13.32 8.06 -30.87
C LEU A 210 -14.04 7.21 -29.84
N CYS A 211 -14.63 7.82 -28.82
CA CYS A 211 -15.46 7.05 -27.89
C CYS A 211 -16.75 6.56 -28.54
N GLN A 212 -17.08 7.06 -29.73
CA GLN A 212 -18.20 6.54 -30.50
C GLN A 212 -17.82 5.40 -31.43
N ASP A 213 -16.54 5.02 -31.45
CA ASP A 213 -16.09 3.95 -32.32
C ASP A 213 -16.85 2.66 -31.99
N PRO A 214 -17.15 1.83 -33.01
CA PRO A 214 -17.90 0.60 -32.73
C PRO A 214 -17.23 -0.31 -31.70
N THR A 215 -15.90 -0.41 -31.71
CA THR A 215 -15.23 -1.30 -30.75
C THR A 215 -15.36 -0.77 -29.33
N ILE A 216 -15.49 0.55 -29.16
CA ILE A 216 -15.74 1.09 -27.83
C ILE A 216 -17.15 0.75 -27.37
N LYS A 217 -18.13 0.85 -28.27
CA LYS A 217 -19.48 0.41 -27.94
C LYS A 217 -19.46 -1.08 -27.59
N GLU A 218 -18.67 -1.86 -28.30
CA GLU A 218 -18.48 -3.26 -27.93
C GLU A 218 -17.93 -3.36 -26.51
N LEU A 219 -16.91 -2.56 -26.19
CA LEU A 219 -16.33 -2.59 -24.86
C LEU A 219 -17.35 -2.19 -23.81
N GLU A 220 -18.15 -1.16 -24.10
CA GLU A 220 -19.16 -0.73 -23.14
C GLU A 220 -20.15 -1.84 -22.85
N SER A 221 -20.57 -2.57 -23.89
CA SER A 221 -21.51 -3.68 -23.69
C SER A 221 -20.89 -4.79 -22.84
N ILE A 222 -19.61 -5.09 -23.07
CA ILE A 222 -18.96 -6.16 -22.33
C ILE A 222 -18.92 -5.85 -20.84
N ILE A 223 -18.45 -4.65 -20.50
CA ILE A 223 -18.28 -4.31 -19.08
C ILE A 223 -19.63 -4.10 -18.40
N SER A 224 -20.61 -3.56 -19.14
CA SER A 224 -21.95 -3.38 -18.56
C SER A 224 -22.56 -4.72 -18.17
N LYS A 225 -22.39 -5.74 -19.01
CA LYS A 225 -22.91 -7.06 -18.68
C LYS A 225 -22.35 -7.54 -17.34
N ARG A 226 -21.10 -7.20 -17.03
CA ARG A 226 -20.48 -7.56 -15.77
C ARG A 226 -20.88 -6.63 -14.63
N ASN A 227 -21.89 -5.78 -14.84
CA ASN A 227 -22.41 -4.91 -13.80
C ASN A 227 -21.34 -3.94 -13.27
N ILE A 228 -20.52 -3.44 -14.19
CA ILE A 228 -19.56 -2.38 -13.91
C ILE A 228 -19.84 -1.24 -14.87
N GLN A 229 -19.78 -0.02 -14.37
CA GLN A 229 -20.05 1.15 -15.20
C GLN A 229 -18.85 1.48 -16.08
N PHE A 230 -19.12 2.22 -17.17
CA PHE A 230 -18.12 2.54 -18.17
C PHE A 230 -18.07 4.04 -18.41
N SER A 231 -16.86 4.57 -18.54
CA SER A 231 -16.63 5.96 -18.89
C SER A 231 -15.51 6.01 -19.92
N CYS A 232 -15.61 6.96 -20.85
CA CYS A 232 -14.64 7.07 -21.93
C CYS A 232 -14.27 8.53 -22.15
N LYS A 233 -12.97 8.78 -22.31
CA LYS A 233 -12.45 10.10 -22.61
C LYS A 233 -11.50 10.02 -23.79
N ASN A 234 -11.47 11.09 -24.58
CA ASN A 234 -10.49 11.26 -25.64
C ASN A 234 -9.27 11.99 -25.08
N ILE A 235 -8.09 11.45 -25.33
CA ILE A 235 -6.83 12.15 -25.07
C ILE A 235 -6.36 12.63 -26.44
N TYR A 236 -6.75 13.86 -26.79
CA TYR A 236 -6.50 14.36 -28.15
C TYR A 236 -5.02 14.69 -28.36
N ARG A 237 -4.36 15.25 -27.34
CA ARG A 237 -3.00 15.74 -27.45
C ARG A 237 -2.16 15.05 -26.37
N PRO A 238 -1.66 13.84 -26.64
CA PRO A 238 -0.92 13.12 -25.59
C PRO A 238 0.26 13.90 -25.03
N ASP A 239 1.01 14.60 -25.88
CA ASP A 239 2.16 15.37 -25.39
C ASP A 239 1.70 16.47 -24.44
N LYS A 240 0.58 17.14 -24.75
CA LYS A 240 0.07 18.17 -23.86
C LYS A 240 -0.54 17.56 -22.61
N PHE A 241 -1.15 16.38 -22.73
CA PHE A 241 -1.72 15.72 -21.55
C PHE A 241 -0.65 15.38 -20.53
N LEU A 242 0.49 14.85 -20.99
CA LEU A 242 1.59 14.58 -20.08
C LEU A 242 2.10 15.86 -19.43
N GLN A 243 2.23 16.93 -20.22
CA GLN A 243 2.70 18.20 -19.69
C GLN A 243 1.79 18.73 -18.59
N CYS A 244 0.47 18.51 -18.73
CA CYS A 244 -0.46 18.96 -17.70
C CYS A 244 -0.39 18.10 -16.45
N VAL A 245 -0.12 16.81 -16.60
CA VAL A 245 0.01 15.94 -15.43
C VAL A 245 1.26 16.28 -14.65
N LYS A 246 2.32 16.72 -15.34
CA LYS A 246 3.59 17.03 -14.67
C LYS A 246 3.50 18.32 -13.88
N ASN A 247 2.88 19.35 -14.45
CA ASN A 247 2.84 20.68 -13.85
C ASN A 247 1.42 21.23 -13.89
N PRO A 248 0.50 20.65 -13.13
CA PRO A 248 -0.86 21.17 -13.08
C PRO A 248 -1.02 22.35 -12.13
N GLU A 249 -0.07 23.28 -12.20
CA GLU A 249 -0.10 24.47 -11.35
C GLU A 249 -0.60 25.68 -12.15
N SER B 1 -25.51 0.01 37.23
CA SER B 1 -25.39 -1.23 37.99
C SER B 1 -25.12 -0.94 39.46
N ARG B 2 -25.62 -1.81 40.33
CA ARG B 2 -25.42 -1.65 41.76
C ARG B 2 -24.03 -2.08 42.22
N TRP B 3 -23.20 -2.59 41.32
CA TRP B 3 -21.83 -2.95 41.65
C TRP B 3 -20.81 -1.97 41.10
N ARG B 4 -21.21 -0.99 40.32
CA ARG B 4 -20.26 -0.14 39.61
C ARG B 4 -19.60 0.85 40.56
N GLN B 5 -18.28 0.88 40.55
CA GLN B 5 -17.50 1.79 41.38
C GLN B 5 -17.18 3.06 40.62
N GLN B 6 -16.81 4.10 41.36
CA GLN B 6 -16.41 5.36 40.77
C GLN B 6 -14.95 5.32 40.36
N TRP B 7 -14.67 5.83 39.17
CA TRP B 7 -13.30 5.99 38.69
C TRP B 7 -12.89 7.44 38.79
N SER B 8 -11.58 7.69 38.64
CA SER B 8 -11.05 9.04 38.74
C SER B 8 -10.96 9.74 37.41
N GLY B 9 -11.03 9.02 36.29
CA GLY B 9 -10.93 9.62 34.98
C GLY B 9 -12.28 10.00 34.40
N PRO B 10 -12.26 10.83 33.36
CA PRO B 10 -13.53 11.22 32.72
C PRO B 10 -14.24 10.03 32.11
N GLY B 11 -15.56 10.12 32.02
CA GLY B 11 -16.37 9.06 31.47
C GLY B 11 -16.31 9.02 29.96
N THR B 12 -16.95 8.01 29.39
CA THR B 12 -16.94 7.81 27.95
C THR B 12 -17.43 9.06 27.23
N THR B 13 -16.76 9.40 26.13
CA THR B 13 -17.14 10.58 25.37
C THR B 13 -18.60 10.49 24.97
N LYS B 14 -19.30 11.62 25.06
CA LYS B 14 -20.71 11.67 24.68
C LYS B 14 -20.88 11.24 23.23
N ARG B 15 -21.93 10.46 22.98
CA ARG B 15 -22.24 9.97 21.64
C ARG B 15 -21.12 9.12 21.06
N PHE B 16 -20.42 8.38 21.92
CA PHE B 16 -19.31 7.55 21.46
C PHE B 16 -19.73 6.56 20.38
N PRO B 17 -20.80 5.76 20.55
CA PRO B 17 -21.18 4.83 19.47
C PRO B 17 -21.46 5.54 18.16
N GLU B 18 -22.22 6.63 18.20
CA GLU B 18 -22.53 7.36 16.98
C GLU B 18 -21.27 7.95 16.37
N THR B 19 -20.35 8.43 17.21
CA THR B 19 -19.12 9.03 16.70
C THR B 19 -18.24 8.01 15.99
N VAL B 20 -18.09 6.82 16.56
CA VAL B 20 -17.28 5.79 15.92
C VAL B 20 -17.90 5.37 14.60
N LEU B 21 -19.22 5.14 14.59
CA LEU B 21 -19.90 4.77 13.36
C LEU B 21 -19.75 5.84 12.29
N ALA B 22 -19.97 7.09 12.65
CA ALA B 22 -19.86 8.17 11.68
C ALA B 22 -18.44 8.29 11.14
N ARG B 23 -17.44 8.12 12.01
CA ARG B 23 -16.06 8.20 11.57
C ARG B 23 -15.71 7.04 10.63
N CYS B 24 -16.19 5.83 10.94
CA CYS B 24 -15.92 4.70 10.06
C CYS B 24 -16.49 4.92 8.67
N VAL B 25 -17.74 5.37 8.59
CA VAL B 25 -18.37 5.63 7.30
C VAL B 25 -17.62 6.74 6.56
N LYS B 26 -17.27 7.82 7.28
CA LYS B 26 -16.57 8.93 6.65
C LYS B 26 -15.21 8.49 6.12
N TYR B 27 -14.47 7.69 6.91
CA TYR B 27 -13.12 7.30 6.49
C TYR B 27 -13.16 6.43 5.24
N THR B 28 -14.02 5.40 5.23
CA THR B 28 -14.11 4.54 4.06
C THR B 28 -14.66 5.28 2.85
N GLU B 29 -15.44 6.34 3.07
CA GLU B 29 -15.87 7.18 1.96
C GLU B 29 -14.69 7.93 1.36
N ILE B 30 -13.80 8.45 2.21
CA ILE B 30 -12.64 9.20 1.72
C ILE B 30 -11.58 8.25 1.14
N HIS B 31 -11.49 7.03 1.66
CA HIS B 31 -10.43 6.10 1.29
C HIS B 31 -11.04 4.90 0.57
N PRO B 32 -11.12 4.93 -0.76
CA PRO B 32 -11.74 3.80 -1.47
C PRO B 32 -11.06 2.46 -1.23
N GLU B 33 -9.77 2.47 -0.90
CA GLU B 33 -9.06 1.22 -0.73
C GLU B 33 -9.51 0.44 0.51
N MET B 34 -10.34 1.05 1.37
CA MET B 34 -10.82 0.41 2.59
C MET B 34 -12.31 0.09 2.56
N ARG B 35 -12.96 0.18 1.40
CA ARG B 35 -14.40 0.01 1.34
C ARG B 35 -14.84 -1.44 1.47
N HIS B 36 -13.92 -2.39 1.51
CA HIS B 36 -14.27 -3.75 1.91
C HIS B 36 -14.75 -3.80 3.36
N VAL B 37 -14.48 -2.76 4.14
CA VAL B 37 -14.79 -2.77 5.57
C VAL B 37 -16.29 -2.65 5.76
N ASP B 38 -16.84 -3.48 6.64
CA ASP B 38 -18.22 -3.38 7.09
C ASP B 38 -18.21 -2.63 8.42
N CYS B 39 -18.71 -1.39 8.42
CA CYS B 39 -18.59 -0.55 9.61
C CYS B 39 -19.41 -1.09 10.76
N GLN B 40 -20.53 -1.76 10.49
CA GLN B 40 -21.27 -2.41 11.57
C GLN B 40 -20.40 -3.44 12.28
N SER B 41 -19.68 -4.25 11.50
CA SER B 41 -18.80 -5.25 12.08
C SER B 41 -17.66 -4.58 12.86
N VAL B 42 -17.15 -3.46 12.35
CA VAL B 42 -16.08 -2.75 13.03
C VAL B 42 -16.56 -2.27 14.40
N TRP B 43 -17.72 -1.62 14.44
CA TRP B 43 -18.25 -1.16 15.71
C TRP B 43 -18.53 -2.32 16.65
N ASP B 44 -19.12 -3.40 16.12
CA ASP B 44 -19.41 -4.57 16.94
C ASP B 44 -18.13 -5.14 17.54
N ALA B 45 -17.06 -5.24 16.75
CA ALA B 45 -15.80 -5.73 17.27
C ALA B 45 -15.17 -4.74 18.25
N PHE B 46 -15.28 -3.44 17.96
CA PHE B 46 -14.81 -2.43 18.90
C PHE B 46 -15.56 -2.53 20.21
N LYS B 47 -16.89 -2.57 20.14
CA LYS B 47 -17.72 -2.67 21.33
C LYS B 47 -17.40 -3.93 22.12
N GLY B 48 -17.24 -5.05 21.42
CA GLY B 48 -16.96 -6.32 22.08
C GLY B 48 -15.64 -6.36 22.82
N ALA B 49 -14.75 -5.40 22.59
CA ALA B 49 -13.46 -5.43 23.25
C ALA B 49 -13.56 -5.06 24.73
N PHE B 50 -14.53 -4.22 25.11
CA PHE B 50 -14.58 -3.69 26.47
C PHE B 50 -15.95 -3.76 27.14
N ILE B 51 -17.06 -3.85 26.40
CA ILE B 51 -18.36 -3.94 27.05
CA ILE B 51 -18.36 -3.95 27.03
C ILE B 51 -18.47 -5.27 27.79
N SER B 52 -19.17 -5.25 28.92
CA SER B 52 -19.37 -6.42 29.77
C SER B 52 -18.08 -6.92 30.41
N LYS B 53 -17.02 -6.11 30.39
CA LYS B 53 -15.73 -6.49 30.94
C LYS B 53 -15.29 -5.46 31.97
N HIS B 54 -14.64 -5.92 33.03
CA HIS B 54 -14.10 -5.01 34.02
C HIS B 54 -13.05 -4.11 33.35
N PRO B 55 -13.16 -2.78 33.49
CA PRO B 55 -12.27 -1.89 32.73
C PRO B 55 -10.87 -1.74 33.32
N CYS B 56 -10.46 -2.67 34.18
CA CYS B 56 -9.08 -2.71 34.66
C CYS B 56 -8.36 -3.99 34.26
N ASP B 57 -8.99 -4.88 33.48
CA ASP B 57 -8.40 -6.14 33.08
C ASP B 57 -8.43 -6.32 31.55
N ILE B 58 -8.46 -5.21 30.82
CA ILE B 58 -8.49 -5.30 29.36
C ILE B 58 -7.12 -5.73 28.84
N THR B 59 -7.13 -6.60 27.84
CA THR B 59 -5.91 -7.15 27.27
C THR B 59 -5.83 -6.82 25.78
N GLU B 60 -4.64 -7.03 25.21
CA GLU B 60 -4.46 -6.86 23.78
C GLU B 60 -5.33 -7.83 23.01
N GLU B 61 -5.51 -9.05 23.53
CA GLU B 61 -6.34 -10.04 22.86
C GLU B 61 -7.80 -9.58 22.78
N ASP B 62 -8.27 -8.77 23.73
CA ASP B 62 -9.63 -8.26 23.65
C ASP B 62 -9.85 -7.46 22.37
N TYR B 63 -8.81 -6.79 21.88
CA TYR B 63 -8.91 -5.94 20.70
C TYR B 63 -8.54 -6.65 19.41
N GLN B 64 -8.14 -7.92 19.47
CA GLN B 64 -7.71 -8.59 18.25
C GLN B 64 -8.79 -8.64 17.17
N PRO B 65 -10.05 -8.95 17.48
CA PRO B 65 -11.07 -8.90 16.41
C PRO B 65 -11.16 -7.55 15.71
N LEU B 66 -11.03 -6.45 16.47
CA LEU B 66 -10.98 -5.14 15.84
C LEU B 66 -9.71 -4.98 15.01
N MET B 67 -8.57 -5.45 15.53
CA MET B 67 -7.32 -5.35 14.78
C MET B 67 -7.42 -6.06 13.44
N LYS B 68 -8.02 -7.25 13.42
CA LYS B 68 -8.15 -8.00 12.18
C LYS B 68 -9.01 -7.26 11.17
N LEU B 69 -10.18 -6.78 11.61
CA LEU B 69 -11.07 -6.05 10.70
C LEU B 69 -10.43 -4.77 10.21
N GLY B 70 -9.63 -4.12 11.05
CA GLY B 70 -8.98 -2.87 10.70
C GLY B 70 -7.68 -3.00 9.95
N THR B 71 -7.31 -4.20 9.50
CA THR B 71 -6.05 -4.38 8.80
C THR B 71 -5.94 -3.39 7.65
N GLN B 72 -4.81 -2.70 7.59
CA GLN B 72 -4.59 -1.66 6.59
C GLN B 72 -3.10 -1.58 6.29
N THR B 73 -2.75 -1.64 5.01
CA THR B 73 -1.36 -1.57 4.57
C THR B 73 -1.04 -0.13 4.20
N VAL B 74 -0.19 0.51 5.00
CA VAL B 74 0.33 1.83 4.69
C VAL B 74 1.76 1.65 4.20
N PRO B 75 2.24 2.46 3.24
CA PRO B 75 3.64 2.30 2.79
C PRO B 75 4.61 2.37 3.96
N CYS B 76 5.31 1.27 4.22
CA CYS B 76 6.06 1.16 5.48
C CYS B 76 7.17 2.18 5.60
N ASN B 77 7.64 2.75 4.49
CA ASN B 77 8.71 3.73 4.53
C ASN B 77 8.20 5.17 4.61
N LYS B 78 6.90 5.36 4.81
CA LYS B 78 6.28 6.67 4.85
C LYS B 78 5.50 6.88 6.15
N ILE B 79 6.05 6.42 7.26
CA ILE B 79 5.37 6.47 8.55
C ILE B 79 5.95 7.60 9.38
N LEU B 80 5.06 8.38 10.01
CA LEU B 80 5.44 9.50 10.86
C LEU B 80 4.89 9.28 12.27
N LEU B 81 5.80 9.17 13.23
CA LEU B 81 5.46 9.14 14.64
C LEU B 81 5.52 10.56 15.22
N TRP B 82 4.92 10.73 16.39
CA TRP B 82 4.96 12.04 17.05
C TRP B 82 4.90 11.88 18.55
N SER B 83 5.38 12.92 19.26
CA SER B 83 5.34 12.98 20.72
C SER B 83 4.87 14.36 21.13
N ARG B 84 3.65 14.43 21.66
CA ARG B 84 3.01 15.62 22.21
C ARG B 84 2.61 16.66 21.17
N ILE B 85 3.27 16.69 20.03
CA ILE B 85 2.91 17.68 19.02
C ILE B 85 2.08 16.97 17.97
N LYS B 86 0.83 16.66 18.32
CA LYS B 86 -0.02 15.89 17.44
C LYS B 86 -0.61 16.78 16.34
N ASP B 87 -0.89 18.04 16.66
CA ASP B 87 -1.57 18.92 15.72
C ASP B 87 -0.69 19.18 14.50
N LEU B 88 0.59 19.53 14.72
CA LEU B 88 1.47 19.81 13.60
C LEU B 88 1.72 18.54 12.77
N ALA B 89 1.83 17.39 13.43
CA ALA B 89 2.04 16.15 12.70
C ALA B 89 0.90 15.89 11.73
N HIS B 90 -0.34 16.18 12.15
CA HIS B 90 -1.48 15.98 11.28
C HIS B 90 -1.55 17.07 10.20
N GLN B 91 -1.20 18.30 10.55
CA GLN B 91 -1.10 19.35 9.54
C GLN B 91 -0.08 18.99 8.48
N PHE B 92 1.04 18.38 8.90
CA PHE B 92 2.07 17.99 7.95
C PHE B 92 1.53 16.96 6.96
N THR B 93 0.89 15.91 7.45
CA THR B 93 0.44 14.84 6.56
C THR B 93 -0.73 15.29 5.69
N GLN B 94 -1.50 16.29 6.13
CA GLN B 94 -2.54 16.84 5.28
C GLN B 94 -1.96 17.50 4.04
N VAL B 95 -0.73 17.99 4.13
CA VAL B 95 -0.03 18.58 2.98
C VAL B 95 0.86 17.56 2.29
N GLN B 96 1.73 16.90 3.05
CA GLN B 96 2.58 15.82 2.53
C GLN B 96 1.74 14.54 2.55
N ARG B 97 0.90 14.41 1.53
CA ARG B 97 -0.17 13.41 1.53
C ARG B 97 0.32 11.99 1.32
N ASP B 98 1.60 11.77 1.04
CA ASP B 98 2.14 10.42 0.91
C ASP B 98 2.71 9.89 2.22
N MET B 99 2.63 10.65 3.31
CA MET B 99 3.09 10.21 4.62
C MET B 99 1.91 10.09 5.58
N PHE B 100 2.05 9.18 6.54
CA PHE B 100 0.92 8.76 7.37
C PHE B 100 1.31 8.75 8.84
N THR B 101 0.46 9.29 9.69
CA THR B 101 0.49 9.05 11.12
C THR B 101 -0.49 7.94 11.46
N LEU B 102 -0.42 7.47 12.71
CA LEU B 102 -1.35 6.44 13.15
C LEU B 102 -2.80 6.91 13.01
N GLU B 103 -3.04 8.20 13.26
CA GLU B 103 -4.39 8.75 13.15
C GLU B 103 -4.86 8.88 11.71
N ASP B 104 -3.98 8.68 10.73
CA ASP B 104 -4.38 8.61 9.33
C ASP B 104 -4.79 7.21 8.91
N THR B 105 -4.61 6.22 9.78
CA THR B 105 -5.16 4.88 9.56
C THR B 105 -6.60 4.83 10.06
N LEU B 106 -7.35 3.84 9.58
CA LEU B 106 -8.74 3.70 10.00
C LEU B 106 -8.85 3.59 11.52
N LEU B 107 -8.07 2.67 12.12
CA LEU B 107 -8.20 2.43 13.55
C LEU B 107 -7.83 3.66 14.37
N GLY B 108 -6.72 4.31 14.03
CA GLY B 108 -6.36 5.53 14.72
C GLY B 108 -7.38 6.63 14.50
N TYR B 109 -7.94 6.68 13.30
CA TYR B 109 -8.95 7.70 12.97
C TYR B 109 -10.19 7.55 13.84
N LEU B 110 -10.64 6.32 14.07
CA LEU B 110 -11.85 6.10 14.86
C LEU B 110 -11.70 6.60 16.29
N ALA B 111 -10.57 6.32 16.92
CA ALA B 111 -10.40 6.51 18.35
C ALA B 111 -9.77 7.85 18.73
N ASP B 112 -9.33 8.64 17.76
CA ASP B 112 -8.59 9.86 18.06
C ASP B 112 -9.40 10.77 18.99
N ASP B 113 -8.79 11.15 20.11
CA ASP B 113 -9.32 12.10 21.08
C ASP B 113 -10.55 11.59 21.82
N LEU B 114 -10.82 10.30 21.81
CA LEU B 114 -12.00 9.74 22.46
C LEU B 114 -11.61 8.92 23.69
N THR B 115 -12.58 8.80 24.61
CA THR B 115 -12.44 8.02 25.82
C THR B 115 -13.63 7.07 25.91
N TRP B 116 -13.40 5.87 26.43
CA TRP B 116 -14.48 4.90 26.54
C TRP B 116 -14.14 3.86 27.58
N CYS B 117 -15.17 3.31 28.21
CA CYS B 117 -15.03 2.16 29.09
C CYS B 117 -16.42 1.59 29.35
N GLY B 118 -16.45 0.35 29.82
CA GLY B 118 -17.69 -0.33 30.16
C GLY B 118 -17.65 -0.83 31.59
N GLU B 119 -18.44 -1.87 31.85
CA GLU B 119 -18.55 -2.47 33.17
C GLU B 119 -18.73 -3.97 33.03
N PHE B 120 -18.29 -4.70 34.05
CA PHE B 120 -18.40 -6.16 34.04
C PHE B 120 -19.86 -6.61 34.10
N ALA B 121 -20.18 -7.61 33.27
CA ALA B 121 -21.45 -8.32 33.29
C ALA B 121 -22.64 -7.48 32.85
N THR B 122 -22.42 -6.28 32.33
CA THR B 122 -23.48 -5.44 31.81
CA THR B 122 -23.48 -5.43 31.80
C THR B 122 -23.11 -4.97 30.41
N SER B 123 -24.14 -4.62 29.63
CA SER B 123 -23.96 -4.19 28.25
C SER B 123 -23.92 -2.67 28.13
N LYS B 124 -23.78 -1.95 29.23
CA LYS B 124 -23.90 -0.50 29.23
C LYS B 124 -22.52 0.17 29.19
N ILE B 125 -22.41 1.19 28.35
CA ILE B 125 -21.23 2.05 28.37
C ILE B 125 -21.27 2.94 29.61
N ASN B 126 -20.12 3.17 30.21
CA ASN B 126 -20.01 4.01 31.40
C ASN B 126 -19.71 5.43 30.96
N TYR B 127 -20.75 6.27 30.91
CA TYR B 127 -20.60 7.68 30.56
C TYR B 127 -20.29 8.55 31.77
N GLN B 128 -20.16 7.96 32.96
CA GLN B 128 -19.95 8.71 34.19
C GLN B 128 -18.48 8.86 34.56
N SER B 129 -17.70 7.78 34.50
CA SER B 129 -16.27 7.86 34.77
C SER B 129 -15.59 6.66 34.13
N CYS B 130 -14.29 6.79 33.91
CA CYS B 130 -13.46 5.71 33.40
C CYS B 130 -12.14 5.71 34.15
N PRO B 131 -11.44 4.58 34.20
CA PRO B 131 -10.21 4.50 34.98
C PRO B 131 -9.13 5.45 34.46
N ASP B 132 -8.46 6.11 35.39
CA ASP B 132 -7.26 6.86 35.10
C ASP B 132 -6.06 5.93 35.20
N TRP B 133 -5.15 6.03 34.22
CA TRP B 133 -4.03 5.09 34.16
C TRP B 133 -3.18 5.18 35.43
N ARG B 134 -3.11 6.36 36.05
CA ARG B 134 -2.25 6.57 37.20
C ARG B 134 -2.97 6.30 38.51
N LYS B 135 -4.13 6.91 38.70
CA LYS B 135 -4.83 6.80 39.98
C LYS B 135 -5.62 5.50 40.13
N ASP B 136 -6.03 4.87 39.03
CA ASP B 136 -6.91 3.69 39.12
C ASP B 136 -6.25 2.41 38.64
N CYS B 137 -5.86 2.33 37.37
CA CYS B 137 -5.33 1.09 36.84
C CYS B 137 -4.82 1.33 35.43
N SER B 138 -3.75 0.62 35.07
CA SER B 138 -3.08 0.84 33.80
CA SER B 138 -3.08 0.84 33.80
C SER B 138 -3.72 0.07 32.65
N ASN B 139 -4.43 -1.03 32.92
CA ASN B 139 -4.99 -1.88 31.86
C ASN B 139 -6.44 -1.52 31.59
N ASN B 140 -6.68 -0.25 31.25
CA ASN B 140 -8.01 0.23 30.92
C ASN B 140 -8.22 0.22 29.41
N PRO B 141 -9.48 0.26 28.96
CA PRO B 141 -9.75 0.12 27.52
C PRO B 141 -8.99 1.11 26.64
N VAL B 142 -8.85 2.36 27.07
CA VAL B 142 -8.20 3.35 26.23
C VAL B 142 -6.70 3.11 26.16
N SER B 143 -6.04 3.00 27.32
CA SER B 143 -4.59 2.80 27.33
CA SER B 143 -4.59 2.80 27.33
C SER B 143 -4.20 1.51 26.61
N VAL B 144 -4.96 0.43 26.83
CA VAL B 144 -4.64 -0.83 26.18
C VAL B 144 -4.84 -0.74 24.67
N PHE B 145 -5.86 0.00 24.23
CA PHE B 145 -6.06 0.19 22.80
C PHE B 145 -4.85 0.84 22.15
N TRP B 146 -4.39 1.96 22.70
CA TRP B 146 -3.34 2.74 22.04
C TRP B 146 -1.99 2.04 22.09
N LYS B 147 -1.68 1.37 23.20
CA LYS B 147 -0.42 0.63 23.25
C LYS B 147 -0.43 -0.53 22.26
N THR B 148 -1.61 -1.08 21.97
CA THR B 148 -1.69 -2.18 21.02
C THR B 148 -1.56 -1.69 19.58
N VAL B 149 -2.37 -0.71 19.18
CA VAL B 149 -2.32 -0.24 17.80
C VAL B 149 -1.00 0.47 17.52
N SER B 150 -0.46 1.19 18.50
CA SER B 150 0.81 1.88 18.30
CA SER B 150 0.81 1.88 18.30
C SER B 150 1.94 0.88 18.07
N ARG B 151 1.92 -0.25 18.80
CA ARG B 151 2.95 -1.26 18.62
C ARG B 151 2.90 -1.87 17.22
N ARG B 152 1.70 -2.24 16.77
CA ARG B 152 1.56 -2.81 15.43
C ARG B 152 1.97 -1.81 14.36
N PHE B 153 1.62 -0.55 14.56
CA PHE B 153 2.03 0.49 13.62
C PHE B 153 3.55 0.60 13.57
N ALA B 154 4.21 0.62 14.73
CA ALA B 154 5.66 0.69 14.76
C ALA B 154 6.28 -0.57 14.16
N GLU B 155 5.67 -1.73 14.41
CA GLU B 155 6.21 -2.98 13.87
C GLU B 155 6.17 -3.00 12.35
N ALA B 156 5.26 -2.25 11.74
CA ALA B 156 5.10 -2.26 10.29
C ALA B 156 6.07 -1.34 9.56
N ALA B 157 6.70 -0.42 10.27
CA ALA B 157 7.57 0.56 9.62
C ALA B 157 8.82 -0.11 9.05
N CYS B 158 9.42 0.55 8.05
CA CYS B 158 10.60 0.02 7.39
C CYS B 158 11.47 1.19 6.92
N ASP B 159 12.72 0.85 6.60
CA ASP B 159 13.68 1.82 6.05
C ASP B 159 13.92 2.97 7.01
N VAL B 160 13.43 4.17 6.70
CA VAL B 160 13.60 5.35 7.53
C VAL B 160 12.26 5.70 8.16
N VAL B 161 12.24 5.80 9.48
CA VAL B 161 11.06 6.18 10.24
C VAL B 161 11.31 7.56 10.85
N HIS B 162 10.30 8.42 10.76
CA HIS B 162 10.40 9.78 11.27
C HIS B 162 9.52 9.95 12.50
N VAL B 163 10.01 10.75 13.44
CA VAL B 163 9.25 11.11 14.64
C VAL B 163 9.37 12.62 14.84
N MET B 164 8.25 13.28 15.04
CA MET B 164 8.23 14.69 15.39
C MET B 164 8.23 14.83 16.91
N LEU B 165 9.12 15.68 17.43
CA LEU B 165 9.25 15.91 18.85
C LEU B 165 9.02 17.38 19.15
N ASP B 166 8.44 17.64 20.32
CA ASP B 166 8.10 19.00 20.75
C ASP B 166 9.31 19.60 21.46
N GLY B 167 10.02 20.49 20.78
CA GLY B 167 11.20 21.13 21.32
C GLY B 167 10.92 22.30 22.24
N SER B 168 9.65 22.65 22.46
CA SER B 168 9.30 23.74 23.36
C SER B 168 9.15 23.28 24.80
N ARG B 169 9.21 21.98 25.06
CA ARG B 169 9.04 21.43 26.41
C ARG B 169 10.39 21.07 27.00
N SER B 170 10.40 20.91 28.33
CA SER B 170 11.64 20.60 29.03
C SER B 170 12.20 19.25 28.62
N LYS B 171 11.33 18.24 28.53
CA LYS B 171 11.74 16.88 28.15
C LYS B 171 11.35 16.69 26.68
N ILE B 172 12.25 17.11 25.78
CA ILE B 172 11.98 17.00 24.35
C ILE B 172 11.70 15.55 23.99
N PHE B 173 12.51 14.63 24.51
CA PHE B 173 12.20 13.21 24.48
C PHE B 173 11.78 12.78 25.87
N ASP B 174 10.63 12.09 25.96
CA ASP B 174 10.06 11.67 27.22
C ASP B 174 9.84 10.16 27.18
N LYS B 175 10.57 9.44 28.04
CA LYS B 175 10.35 8.00 28.15
C LYS B 175 8.91 7.69 28.52
N ASP B 176 8.24 8.60 29.22
CA ASP B 176 6.89 8.39 29.72
C ASP B 176 5.87 8.83 28.67
N SER B 177 5.95 8.21 27.50
CA SER B 177 5.06 8.51 26.40
C SER B 177 4.87 7.26 25.56
N THR B 178 3.87 7.31 24.67
CA THR B 178 3.65 6.20 23.76
C THR B 178 4.86 5.97 22.87
N PHE B 179 5.48 7.05 22.39
CA PHE B 179 6.69 6.92 21.58
C PHE B 179 7.83 6.34 22.40
N GLY B 180 8.08 6.89 23.59
CA GLY B 180 9.25 6.53 24.37
C GLY B 180 9.18 5.16 25.03
N SER B 181 7.99 4.64 25.27
CA SER B 181 7.82 3.38 25.97
C SER B 181 7.16 2.29 25.14
N VAL B 182 6.69 2.60 23.93
CA VAL B 182 6.09 1.57 23.07
C VAL B 182 6.74 1.57 21.69
N GLU B 183 6.70 2.73 21.01
CA GLU B 183 7.02 2.75 19.59
C GLU B 183 8.51 2.50 19.33
N VAL B 184 9.39 3.16 20.08
CA VAL B 184 10.81 3.06 19.83
CA VAL B 184 10.81 3.06 19.81
C VAL B 184 11.31 1.63 20.05
N HIS B 185 10.71 0.92 20.99
CA HIS B 185 11.15 -0.43 21.32
C HIS B 185 10.56 -1.50 20.44
N ASN B 186 9.69 -1.14 19.48
CA ASN B 186 9.05 -2.11 18.62
C ASN B 186 9.29 -1.83 17.14
N LEU B 187 10.10 -0.83 16.80
CA LEU B 187 10.68 -0.77 15.47
C LEU B 187 11.57 -1.98 15.26
N GLN B 188 11.37 -2.68 14.15
CA GLN B 188 12.11 -3.91 13.90
C GLN B 188 13.45 -3.59 13.26
N PRO B 189 14.58 -3.91 13.91
CA PRO B 189 15.88 -3.60 13.30
C PRO B 189 16.10 -4.25 11.95
N GLU B 190 15.48 -5.41 11.71
CA GLU B 190 15.61 -6.05 10.40
C GLU B 190 15.01 -5.23 9.28
N LYS B 191 14.06 -4.35 9.58
CA LYS B 191 13.35 -3.57 8.56
C LYS B 191 13.70 -2.09 8.60
N VAL B 192 13.99 -1.55 9.79
CA VAL B 192 14.25 -0.12 9.97
C VAL B 192 15.75 0.09 10.06
N GLN B 193 16.26 0.99 9.22
CA GLN B 193 17.68 1.36 9.27
C GLN B 193 17.92 2.58 10.15
N THR B 194 17.00 3.54 10.12
CA THR B 194 17.21 4.83 10.77
C THR B 194 15.93 5.36 11.36
N LEU B 195 16.04 5.99 12.53
CA LEU B 195 14.98 6.75 13.16
C LEU B 195 15.40 8.22 13.11
N GLU B 196 14.68 9.03 12.34
CA GLU B 196 15.02 10.43 12.15
C GLU B 196 14.06 11.29 12.97
N ALA B 197 14.61 12.05 13.91
CA ALA B 197 13.82 12.89 14.80
C ALA B 197 13.78 14.32 14.25
N TRP B 198 12.59 14.92 14.27
CA TRP B 198 12.38 16.30 13.86
C TRP B 198 12.01 17.08 15.11
N VAL B 199 12.97 17.84 15.64
CA VAL B 199 12.76 18.62 16.85
C VAL B 199 12.08 19.93 16.47
N ILE B 200 10.82 20.09 16.85
CA ILE B 200 10.03 21.27 16.50
C ILE B 200 10.28 22.33 17.57
N HIS B 201 10.74 23.50 17.14
CA HIS B 201 11.04 24.58 18.06
C HIS B 201 9.77 25.34 18.43
N GLY B 202 9.83 25.99 19.59
CA GLY B 202 8.71 26.75 20.09
C GLY B 202 8.88 28.25 19.95
N GLY B 203 8.64 28.97 21.04
CA GLY B 203 8.70 30.42 21.09
C GLY B 203 10.08 31.01 21.27
N ARG B 204 10.83 31.17 20.18
CA ARG B 204 12.14 31.85 20.21
C ARG B 204 13.24 31.08 20.94
N GLU B 205 13.77 30.05 20.26
CA GLU B 205 14.78 29.14 20.79
C GLU B 205 16.22 29.62 20.56
N ASP B 206 16.44 30.91 20.31
CA ASP B 206 17.79 31.46 20.08
C ASP B 206 18.57 30.66 19.03
N SER B 207 17.85 29.99 18.14
CA SER B 207 18.48 29.14 17.12
C SER B 207 19.47 28.16 17.74
N ARG B 208 19.13 27.68 18.93
CA ARG B 208 19.96 26.70 19.63
C ARG B 208 19.78 25.32 19.02
N ASP B 209 20.86 24.55 18.97
CA ASP B 209 20.83 23.19 18.44
C ASP B 209 20.23 22.27 19.50
N LEU B 210 18.94 21.97 19.36
CA LEU B 210 18.27 21.09 20.31
C LEU B 210 18.60 19.62 20.11
N CYS B 211 19.25 19.27 19.00
CA CYS B 211 19.73 17.91 18.82
C CYS B 211 20.83 17.54 19.80
N GLN B 212 21.42 18.52 20.48
CA GLN B 212 22.40 18.27 21.52
C GLN B 212 21.76 18.16 22.91
N ASP B 213 20.45 18.33 23.00
CA ASP B 213 19.78 18.29 24.30
C ASP B 213 20.04 16.95 24.97
N PRO B 214 20.18 16.91 26.30
CA PRO B 214 20.47 15.61 26.96
C PRO B 214 19.43 14.55 26.67
N THR B 215 18.14 14.91 26.61
CA THR B 215 17.12 13.90 26.36
C THR B 215 17.22 13.34 24.94
N ILE B 216 17.69 14.15 23.99
CA ILE B 216 17.94 13.62 22.65
C ILE B 216 19.10 12.64 22.68
N LYS B 217 20.18 12.96 23.38
CA LYS B 217 21.27 12.01 23.54
C LYS B 217 20.77 10.72 24.17
N GLU B 218 19.86 10.83 25.14
CA GLU B 218 19.24 9.65 25.72
C GLU B 218 18.51 8.84 24.67
N LEU B 219 17.76 9.52 23.79
CA LEU B 219 17.07 8.83 22.71
C LEU B 219 18.07 8.13 21.78
N GLU B 220 19.14 8.83 21.42
CA GLU B 220 20.15 8.24 20.54
C GLU B 220 20.75 7.00 21.16
N SER B 221 21.01 7.03 22.47
CA SER B 221 21.56 5.86 23.14
C SER B 221 20.57 4.70 23.13
N ILE B 222 19.29 4.99 23.39
CA ILE B 222 18.29 3.93 23.44
C ILE B 222 18.17 3.23 22.09
N ILE B 223 18.04 4.02 21.02
CA ILE B 223 17.82 3.44 19.70
C ILE B 223 19.09 2.75 19.20
N SER B 224 20.26 3.31 19.50
CA SER B 224 21.51 2.67 19.10
C SER B 224 21.65 1.29 19.74
N LYS B 225 21.26 1.15 21.01
CA LYS B 225 21.32 -0.16 21.65
C LYS B 225 20.52 -1.19 20.88
N ARG B 226 19.42 -0.76 20.23
CA ARG B 226 18.60 -1.66 19.43
C ARG B 226 19.16 -1.85 18.02
N ASN B 227 20.36 -1.33 17.74
CA ASN B 227 21.02 -1.53 16.45
C ASN B 227 20.24 -0.87 15.32
N ILE B 228 19.76 0.35 15.58
CA ILE B 228 19.14 1.20 14.58
C ILE B 228 19.85 2.54 14.62
N GLN B 229 20.11 3.12 13.45
CA GLN B 229 20.78 4.40 13.38
C GLN B 229 19.84 5.54 13.78
N PHE B 230 20.43 6.66 14.14
CA PHE B 230 19.69 7.83 14.59
C PHE B 230 20.13 9.06 13.83
N SER B 231 19.15 9.90 13.47
CA SER B 231 19.41 11.18 12.83
C SER B 231 18.48 12.22 13.46
N CYS B 232 18.98 13.45 13.58
CA CYS B 232 18.23 14.51 14.22
C CYS B 232 18.35 15.80 13.41
N LYS B 233 17.24 16.54 13.33
CA LYS B 233 17.18 17.80 12.62
C LYS B 233 16.34 18.78 13.41
N ASN B 234 16.73 20.05 13.40
CA ASN B 234 15.96 21.10 14.04
C ASN B 234 15.00 21.74 13.05
N ILE B 235 13.74 21.86 13.44
CA ILE B 235 12.74 22.61 12.69
C ILE B 235 12.58 23.95 13.42
N TYR B 236 13.29 24.96 12.93
CA TYR B 236 13.34 26.23 13.64
C TYR B 236 12.06 27.05 13.46
N ARG B 237 11.47 27.02 12.27
CA ARG B 237 10.28 27.80 11.94
C ARG B 237 9.17 26.85 11.55
N PRO B 238 8.34 26.39 12.50
CA PRO B 238 7.27 25.43 12.13
C PRO B 238 6.32 25.97 11.08
N ASP B 239 5.89 27.23 11.20
CA ASP B 239 4.99 27.79 10.21
C ASP B 239 5.63 27.85 8.84
N LYS B 240 6.90 28.28 8.78
CA LYS B 240 7.62 28.29 7.51
C LYS B 240 7.89 26.88 7.01
N PHE B 241 8.09 25.92 7.92
CA PHE B 241 8.32 24.54 7.51
C PHE B 241 7.12 23.99 6.75
N LEU B 242 5.91 24.29 7.22
CA LEU B 242 4.72 23.83 6.51
C LEU B 242 4.60 24.48 5.14
N GLN B 243 4.83 25.79 5.05
CA GLN B 243 4.66 26.48 3.78
C GLN B 243 5.65 25.96 2.73
N CYS B 244 6.84 25.55 3.14
CA CYS B 244 7.80 24.98 2.20
C CYS B 244 7.33 23.63 1.70
N VAL B 245 6.63 22.86 2.54
CA VAL B 245 6.04 21.61 2.08
C VAL B 245 4.83 21.89 1.20
N LYS B 246 4.12 23.00 1.45
CA LYS B 246 3.00 23.37 0.59
C LYS B 246 3.48 23.88 -0.77
N ASN B 247 4.48 24.75 -0.75
CA ASN B 247 4.98 25.41 -1.97
C ASN B 247 6.49 25.24 -2.02
N PRO B 248 6.98 24.06 -2.43
CA PRO B 248 8.44 23.90 -2.57
C PRO B 248 9.03 24.82 -3.62
N GLU B 249 8.19 25.42 -4.47
CA GLU B 249 8.61 26.37 -5.49
C GLU B 249 8.95 27.69 -4.81
N ASP B 250 10.09 27.69 -4.13
CA ASP B 250 10.60 28.83 -3.35
C ASP B 250 11.46 28.32 -2.20
O2R NNR C . 2.53 -11.19 -25.73
C2R NNR C . 3.13 -10.18 -24.98
C3R NNR C . 4.60 -9.91 -25.29
O3R NNR C . 4.79 -10.00 -26.68
C4R NNR C . 5.22 -11.10 -24.54
C5R NNR C . 6.69 -10.95 -24.27
O5R NNR C . 6.96 -9.61 -23.94
O4R NNR C . 4.45 -11.17 -23.32
C1R NNR C . 3.21 -10.61 -23.51
N1 NNR C . 3.03 -9.45 -22.56
C2 NNR C . 4.10 -8.70 -22.27
C6 NNR C . 1.83 -9.20 -22.01
C5 NNR C . 1.69 -8.14 -21.13
C4 NNR C . 2.78 -7.35 -20.83
C3 NNR C . 4.01 -7.63 -21.40
C7 NNR C . 5.28 -6.84 -21.14
O7 NNR C . 6.31 -7.17 -21.70
N7 NNR C . 5.16 -5.80 -20.31
O5 RIB D . -1.30 -2.69 -16.07
C5 RIB D . -0.80 -2.87 -17.33
C4 RIB D . -1.33 -4.23 -17.78
O4 RIB D . -2.65 -4.14 -18.29
C3 RIB D . -0.56 -4.86 -19.02
O3 RIB D . 0.60 -5.38 -18.54
C2 RIB D . -1.59 -5.88 -19.56
O2 RIB D . -1.39 -7.07 -18.90
C1 RIB D . -2.94 -5.19 -19.15
O2R NNR E . -3.30 8.80 26.61
C2R NNR E . -3.70 9.29 25.38
C3R NNR E . -4.96 10.16 25.38
O3R NNR E . -4.97 10.93 26.54
C4R NNR E . -6.02 9.06 25.39
C5R NNR E . -7.40 9.53 24.98
O5R NNR E . -7.28 10.17 23.73
O4R NNR E . -5.50 8.07 24.48
C1R NNR E . -4.13 8.12 24.46
N1 NNR E . -3.63 8.30 23.06
C2 NNR E . -4.36 9.06 22.23
C6 NNR E . -2.49 7.73 22.66
C5 NNR E . -2.05 7.92 21.36
C4 NNR E . -2.78 8.70 20.49
C3 NNR E . -3.96 9.28 20.92
C7 NNR E . -4.85 10.14 20.06
O7 NNR E . -5.71 10.82 20.58
N7 NNR E . -4.63 10.10 18.75
O5 RIB F . 1.95 7.85 14.30
C5 RIB F . 1.54 8.61 15.35
C4 RIB F . 1.65 7.70 16.59
O4 RIB F . 2.99 7.61 17.07
C3 RIB F . 0.86 8.26 17.85
O3 RIB F . -0.43 7.89 17.70
C2 RIB F . 1.62 7.58 19.05
O2 RIB F . 1.03 6.39 19.34
C1 RIB F . 3.06 7.38 18.43
#